data_4GQ3
#
_entry.id   4GQ3
#
_cell.length_a   48.575
_cell.length_b   80.121
_cell.length_c   124.805
_cell.angle_alpha   90.00
_cell.angle_beta   90.00
_cell.angle_gamma   90.00
#
_symmetry.space_group_name_H-M   'P 21 21 21'
#
loop_
_entity.id
_entity.type
_entity.pdbx_description
1 polymer Menin
2 non-polymer 4-[4-(5,5-dimethyl-4,5-dihydro-1,3-thiazol-2-yl)piperazin-1-yl]-6-propylthieno[2,3-d]pyrimidine
3 non-polymer DI(HYDROXYETHYL)ETHER
4 non-polymer 'UNKNOWN ATOM OR ION'
5 non-polymer 'SULFATE ION'
6 water water
#
_entity_poly.entity_id   1
_entity_poly.type   'polypeptide(L)'
_entity_poly.pdbx_seq_one_letter_code
;GGSSSMGLKAAQKTLFPLRSIDDVVRLFAAELGREEPDLVLLSLVLGFVEHFLAVNRVGLTYFPVADLSIIAALYARFTA
QIRGAVDLSLYPREGGVSSRELVKKVSDVIWNSLSRSYFKDRAHIQSLFSFITGTKLDSSGVAFAVVGACQALGLRDVHL
ALSEDHAWVVFGPNGEQTAEVTWHGKGNEDRRGQTVNAGVAERSWLYLKGSYMRCDRKMEVAFMVCAINPSIDLHTDSLE
LLQLQQKLLWLLYDLGHLERYPMALGNLADLEELEPTPGRPDPLTLYHKGIASAKTYYRDEHIYPYMYLAGYHCRNRNVR
EALQAWADTATVIQDYNYCREDEEIYKEFFEVANDVIPNLLKEAASLLEAGSQGSALQDPECFAHLLRFYDGICKWEEGS
PTPVLHVGWATFLVQSLGRFEGQVRQKVRIVSVPAPAASPPPEGPVLTFQSEKMKGMKELLVATKINSSAIKLQLTAQSQ
VQMKKQKVS
;
_entity_poly.pdbx_strand_id   A
#
loop_
_chem_comp.id
_chem_comp.type
_chem_comp.name
_chem_comp.formula
0RO non-polymer 4-[4-(5,5-dimethyl-4,5-dihydro-1,3-thiazol-2-yl)piperazin-1-yl]-6-propylthieno[2,3-d]pyrimidine 'C18 H25 N5 S2'
PEG non-polymer DI(HYDROXYETHYL)ETHER 'C4 H10 O3'
SO4 non-polymer 'SULFATE ION' 'O4 S -2'
UNX non-polymer 'UNKNOWN ATOM OR ION' ?
#
# COMPACT_ATOMS: atom_id res chain seq x y z
N GLY A 7 -17.56 27.46 1.03
CA GLY A 7 -17.59 28.58 2.03
C GLY A 7 -16.61 28.38 3.19
N LEU A 8 -15.40 28.94 3.04
CA LEU A 8 -14.36 28.92 4.08
C LEU A 8 -14.72 29.83 5.24
N LYS A 9 -14.43 29.37 6.45
CA LYS A 9 -14.75 30.09 7.65
C LYS A 9 -13.64 31.10 7.93
N ALA A 10 -13.98 32.21 8.59
CA ALA A 10 -12.96 33.19 8.93
C ALA A 10 -11.72 32.58 9.56
N ALA A 11 -11.93 31.68 10.53
CA ALA A 11 -10.86 31.06 11.27
C ALA A 11 -9.93 30.21 10.39
N GLN A 12 -10.47 29.61 9.33
CA GLN A 12 -9.64 28.87 8.38
C GLN A 12 -8.68 29.75 7.57
N LYS A 13 -8.93 31.06 7.54
CA LYS A 13 -8.27 31.93 6.58
C LYS A 13 -7.08 32.67 7.18
N THR A 14 -7.02 32.69 8.51
CA THR A 14 -6.08 33.55 9.24
C THR A 14 -4.59 33.23 9.04
N LEU A 15 -4.24 31.96 8.76
CA LEU A 15 -2.83 31.62 8.49
C LEU A 15 -2.32 31.98 7.09
N PHE A 16 -3.20 32.32 6.17
CA PHE A 16 -2.70 32.72 4.85
C PHE A 16 -2.08 34.11 4.85
N PRO A 17 -1.12 34.36 3.94
CA PRO A 17 -0.62 33.40 2.94
C PRO A 17 0.34 32.37 3.52
N LEU A 18 0.36 31.16 2.96
CA LEU A 18 1.32 30.16 3.41
C LEU A 18 2.61 30.36 2.64
N ARG A 19 3.69 30.67 3.36
CA ARG A 19 4.98 31.06 2.73
C ARG A 19 6.09 30.04 2.86
N SER A 20 5.79 28.92 3.54
CA SER A 20 6.78 27.93 3.82
C SER A 20 6.14 26.61 4.13
N ILE A 21 7.00 25.58 4.12
CA ILE A 21 6.66 24.23 4.57
C ILE A 21 6.02 24.31 5.95
N ASP A 22 6.66 25.03 6.85
CA ASP A 22 6.13 25.13 8.20
C ASP A 22 4.78 25.83 8.27
N ASP A 23 4.50 26.84 7.42
CA ASP A 23 3.16 27.44 7.37
C ASP A 23 2.09 26.41 6.92
N VAL A 24 2.48 25.51 6.00
CA VAL A 24 1.55 24.46 5.58
C VAL A 24 1.27 23.50 6.74
N VAL A 25 2.33 23.12 7.45
CA VAL A 25 2.18 22.30 8.67
C VAL A 25 1.27 22.97 9.71
N ARG A 26 1.42 24.29 9.89
CA ARG A 26 0.52 24.98 10.80
C ARG A 26 -0.93 24.92 10.37
N LEU A 27 -1.18 25.03 9.06
CA LEU A 27 -2.55 24.92 8.57
C LEU A 27 -3.11 23.51 8.83
N PHE A 28 -2.30 22.49 8.56
CA PHE A 28 -2.72 21.18 8.94
C PHE A 28 -3.02 20.97 10.41
N ALA A 29 -2.19 21.56 11.28
CA ALA A 29 -2.36 21.43 12.72
C ALA A 29 -3.66 22.12 13.12
N ALA A 30 -3.93 23.27 12.50
CA ALA A 30 -5.13 24.03 12.87
C ALA A 30 -6.35 23.21 12.45
N GLU A 31 -6.34 22.71 11.22
CA GLU A 31 -7.44 21.92 10.71
C GLU A 31 -7.69 20.64 11.50
N LEU A 32 -6.61 19.98 11.91
CA LEU A 32 -6.70 18.74 12.65
C LEU A 32 -7.25 18.97 14.06
N GLY A 33 -7.18 20.22 14.54
CA GLY A 33 -7.74 20.62 15.84
C GLY A 33 -9.18 21.11 15.77
N ARG A 34 -9.76 21.13 14.58
CA ARG A 34 -11.16 21.48 14.43
C ARG A 34 -11.98 20.22 14.55
N GLU A 35 -13.29 20.37 14.73
CA GLU A 35 -14.12 19.19 14.86
C GLU A 35 -14.05 18.28 13.62
N GLU A 36 -14.05 18.91 12.43
CA GLU A 36 -13.97 18.24 11.13
C GLU A 36 -12.86 18.94 10.28
N PRO A 37 -11.69 18.29 10.09
CA PRO A 37 -10.77 18.98 9.20
C PRO A 37 -11.30 19.05 7.79
N ASP A 38 -10.96 20.15 7.12
CA ASP A 38 -11.54 20.44 5.84
C ASP A 38 -10.74 19.78 4.73
N LEU A 39 -11.25 18.63 4.22
CA LEU A 39 -10.50 17.86 3.24
C LEU A 39 -10.26 18.61 1.95
N VAL A 40 -11.27 19.37 1.52
CA VAL A 40 -11.18 20.14 0.26
C VAL A 40 -10.09 21.23 0.38
N LEU A 41 -10.09 21.98 1.49
CA LEU A 41 -9.07 23.01 1.68
C LEU A 41 -7.69 22.37 1.66
N LEU A 42 -7.56 21.28 2.42
CA LEU A 42 -6.22 20.69 2.58
C LEU A 42 -5.68 20.07 1.30
N SER A 43 -6.56 19.38 0.56
CA SER A 43 -6.13 18.77 -0.70
C SER A 43 -5.77 19.85 -1.75
N LEU A 44 -6.53 20.94 -1.78
CA LEU A 44 -6.24 22.02 -2.71
C LEU A 44 -4.88 22.62 -2.40
N VAL A 45 -4.61 22.84 -1.11
CA VAL A 45 -3.32 23.41 -0.68
C VAL A 45 -2.17 22.45 -1.06
N LEU A 46 -2.30 21.17 -0.71
CA LEU A 46 -1.25 20.19 -1.05
C LEU A 46 -1.05 20.14 -2.56
N GLY A 47 -2.15 20.15 -3.32
CA GLY A 47 -2.01 20.04 -4.77
C GLY A 47 -1.36 21.27 -5.37
N PHE A 48 -1.67 22.44 -4.80
CA PHE A 48 -1.07 23.70 -5.25
C PHE A 48 0.44 23.65 -5.01
N VAL A 49 0.84 23.31 -3.79
CA VAL A 49 2.24 23.31 -3.46
C VAL A 49 2.97 22.21 -4.27
N GLU A 50 2.35 21.05 -4.45
CA GLU A 50 3.00 20.01 -5.22
C GLU A 50 3.12 20.47 -6.66
N HIS A 51 2.12 21.16 -7.20
CA HIS A 51 2.23 21.57 -8.60
C HIS A 51 3.47 22.49 -8.81
N PHE A 52 3.64 23.40 -7.89
CA PHE A 52 4.70 24.42 -8.00
C PHE A 52 6.04 23.96 -7.45
N LEU A 53 6.08 22.77 -6.85
CA LEU A 53 7.38 22.20 -6.42
C LEU A 53 7.83 21.02 -7.25
N ALA A 54 6.88 20.33 -7.89
CA ALA A 54 7.22 19.12 -8.64
C ALA A 54 6.82 19.21 -10.10
N VAL A 55 5.72 19.87 -10.42
CA VAL A 55 5.24 19.85 -11.81
C VAL A 55 5.87 20.96 -12.65
N ASN A 56 5.88 22.15 -12.07
CA ASN A 56 6.41 23.35 -12.69
C ASN A 56 7.17 24.21 -11.66
N ARG A 57 8.50 24.10 -11.69
CA ARG A 57 9.37 24.86 -10.78
C ARG A 57 9.93 26.18 -11.37
N VAL A 58 9.43 26.59 -12.53
CA VAL A 58 9.80 27.89 -13.06
C VAL A 58 9.44 29.00 -12.10
N GLY A 59 10.41 29.83 -11.75
CA GLY A 59 10.16 30.95 -10.88
C GLY A 59 10.36 30.71 -9.39
N LEU A 60 10.45 29.46 -9.03
CA LEU A 60 10.67 29.01 -7.64
C LEU A 60 11.95 29.61 -7.07
N THR A 61 11.85 30.23 -5.91
CA THR A 61 13.01 30.77 -5.25
C THR A 61 13.16 30.21 -3.83
N TYR A 62 12.03 29.80 -3.23
CA TYR A 62 12.08 29.10 -1.95
C TYR A 62 10.85 28.16 -1.84
N PHE A 63 9.68 28.79 -1.85
CA PHE A 63 8.45 28.04 -1.62
C PHE A 63 7.35 28.78 -2.35
N PRO A 64 6.43 28.02 -2.98
CA PRO A 64 5.39 28.69 -3.77
C PRO A 64 4.34 29.26 -2.83
N VAL A 65 4.32 30.57 -2.68
CA VAL A 65 3.42 31.21 -1.72
C VAL A 65 1.97 30.93 -2.11
N ALA A 66 1.23 30.40 -1.15
CA ALA A 66 -0.18 30.13 -1.36
C ALA A 66 -1.00 31.27 -0.77
N ASP A 67 -1.43 32.16 -1.65
CA ASP A 67 -2.25 33.29 -1.27
C ASP A 67 -3.68 32.83 -1.05
N LEU A 68 -4.32 33.44 -0.06
CA LEU A 68 -5.73 33.18 0.20
C LEU A 68 -6.61 33.40 -1.04
N SER A 69 -6.37 34.46 -1.82
CA SER A 69 -7.26 34.68 -3.00
C SER A 69 -7.20 33.52 -3.98
N ILE A 70 -6.01 32.99 -4.23
CA ILE A 70 -5.82 31.83 -5.13
C ILE A 70 -6.54 30.59 -4.55
N ILE A 71 -6.22 30.27 -3.30
CA ILE A 71 -6.77 29.05 -2.73
C ILE A 71 -8.30 29.15 -2.56
N ALA A 72 -8.77 30.33 -2.12
CA ALA A 72 -10.23 30.48 -1.95
C ALA A 72 -10.93 30.41 -3.28
N ALA A 73 -10.30 30.86 -4.35
CA ALA A 73 -10.99 30.76 -5.66
C ALA A 73 -11.07 29.31 -6.13
N LEU A 74 -10.01 28.53 -5.89
CA LEU A 74 -10.04 27.09 -6.22
C LEU A 74 -11.16 26.39 -5.42
N TYR A 75 -11.25 26.74 -4.12
CA TYR A 75 -12.22 26.14 -3.21
C TYR A 75 -13.62 26.45 -3.70
N ALA A 76 -13.83 27.70 -4.11
CA ALA A 76 -15.10 28.12 -4.68
C ALA A 76 -15.45 27.36 -5.93
N ARG A 77 -14.47 27.14 -6.82
CA ARG A 77 -14.74 26.34 -8.02
C ARG A 77 -15.22 24.93 -7.66
N PHE A 78 -14.55 24.31 -6.72
CA PHE A 78 -14.98 22.99 -6.30
C PHE A 78 -16.38 22.96 -5.68
N THR A 79 -16.59 23.80 -4.68
CA THR A 79 -17.89 23.78 -3.99
C THR A 79 -19.05 24.14 -4.92
N ALA A 80 -18.82 25.09 -5.85
CA ALA A 80 -19.85 25.49 -6.81
C ALA A 80 -20.21 24.34 -7.75
N GLN A 81 -19.18 23.61 -8.19
CA GLN A 81 -19.34 22.47 -9.09
C GLN A 81 -20.16 21.38 -8.41
N ILE A 82 -19.83 21.07 -7.15
CA ILE A 82 -20.53 19.99 -6.42
C ILE A 82 -21.94 20.40 -6.04
N ARG A 83 -22.07 21.59 -5.46
CA ARG A 83 -23.38 22.01 -4.94
C ARG A 83 -24.37 22.25 -6.09
N GLY A 84 -23.87 22.70 -7.23
CA GLY A 84 -24.77 22.89 -8.38
C GLY A 84 -25.20 21.62 -9.09
N ALA A 85 -24.37 20.57 -9.02
CA ALA A 85 -24.67 19.33 -9.71
C ALA A 85 -25.43 18.34 -8.83
N VAL A 86 -25.27 18.46 -7.52
CA VAL A 86 -25.92 17.51 -6.59
C VAL A 86 -27.01 18.27 -5.79
N ASP A 87 -28.25 18.10 -6.18
CA ASP A 87 -29.37 18.64 -5.42
C ASP A 87 -29.82 17.76 -4.23
N LEU A 88 -29.45 18.13 -3.02
CA LEU A 88 -29.75 17.32 -1.84
C LEU A 88 -31.21 17.09 -1.52
N SER A 89 -32.09 17.98 -1.97
CA SER A 89 -33.51 17.81 -1.74
C SER A 89 -34.08 16.58 -2.42
N LEU A 90 -33.37 16.08 -3.42
CA LEU A 90 -33.82 14.95 -4.21
C LEU A 90 -33.50 13.62 -3.52
N TYR A 91 -32.66 13.69 -2.47
CA TYR A 91 -32.15 12.53 -1.69
C TYR A 91 -32.36 12.74 -0.18
N PRO A 92 -33.62 12.63 0.28
CA PRO A 92 -33.93 12.90 1.70
C PRO A 92 -33.06 12.08 2.66
N ARG A 93 -32.44 12.75 3.64
CA ARG A 93 -31.58 12.11 4.65
C ARG A 93 -32.27 11.97 6.02
N GLU A 94 -32.56 10.74 6.44
CA GLU A 94 -33.05 10.50 7.80
C GLU A 94 -31.88 10.06 8.68
N GLY A 95 -32.01 10.26 9.99
CA GLY A 95 -31.01 9.81 10.97
C GLY A 95 -29.60 10.37 10.80
N GLY A 96 -29.49 11.45 10.03
CA GLY A 96 -28.19 12.03 9.70
C GLY A 96 -27.31 11.11 8.88
N VAL A 97 -27.93 10.24 8.07
CA VAL A 97 -27.16 9.35 7.19
C VAL A 97 -27.60 9.38 5.73
N SER A 98 -26.63 9.11 4.84
CA SER A 98 -26.77 9.24 3.41
C SER A 98 -27.28 7.97 2.82
N SER A 99 -27.81 8.07 1.62
CA SER A 99 -28.38 6.92 0.90
C SER A 99 -27.44 6.48 -0.19
N ARG A 100 -27.57 5.22 -0.61
CA ARG A 100 -26.76 4.75 -1.72
C ARG A 100 -26.96 5.60 -2.99
N GLU A 101 -28.19 6.08 -3.25
CA GLU A 101 -28.45 6.92 -4.46
C GLU A 101 -27.69 8.23 -4.41
N LEU A 102 -27.60 8.80 -3.22
CA LEU A 102 -26.86 10.07 -3.04
C LEU A 102 -25.37 9.84 -3.27
N VAL A 103 -24.84 8.77 -2.69
CA VAL A 103 -23.41 8.49 -2.83
C VAL A 103 -23.09 8.23 -4.31
N LYS A 104 -23.99 7.52 -5.01
CA LYS A 104 -23.79 7.25 -6.43
C LYS A 104 -23.85 8.52 -7.25
N LYS A 105 -24.73 9.44 -6.84
CA LYS A 105 -24.84 10.66 -7.59
C LYS A 105 -23.56 11.49 -7.47
N VAL A 106 -23.00 11.53 -6.26
CA VAL A 106 -21.77 12.29 -6.06
C VAL A 106 -20.66 11.65 -6.86
N SER A 107 -20.59 10.32 -6.83
CA SER A 107 -19.60 9.62 -7.63
C SER A 107 -19.71 9.93 -9.12
N ASP A 108 -20.96 9.92 -9.62
CA ASP A 108 -21.21 10.23 -11.03
C ASP A 108 -20.74 11.65 -11.36
N VAL A 109 -21.05 12.59 -10.47
CA VAL A 109 -20.61 13.99 -10.69
C VAL A 109 -19.10 14.09 -10.85
N ILE A 110 -18.37 13.47 -9.94
CA ILE A 110 -16.91 13.50 -10.06
C ILE A 110 -16.47 12.81 -11.36
N TRP A 111 -16.98 11.59 -11.58
CA TRP A 111 -16.65 10.85 -12.79
C TRP A 111 -16.89 11.61 -14.09
N ASN A 112 -18.09 12.17 -14.22
CA ASN A 112 -18.47 12.82 -15.48
C ASN A 112 -17.70 14.13 -15.69
N SER A 113 -17.01 14.61 -14.66
CA SER A 113 -16.20 15.84 -14.72
C SER A 113 -14.82 15.60 -15.32
N LEU A 114 -14.39 14.35 -15.43
CA LEU A 114 -13.02 14.07 -15.79
C LEU A 114 -12.90 14.11 -17.29
N SER A 115 -11.71 14.48 -17.74
CA SER A 115 -11.38 14.42 -19.16
C SER A 115 -11.67 13.04 -19.69
N ARG A 116 -12.19 12.97 -20.93
CA ARG A 116 -12.60 11.69 -21.53
C ARG A 116 -11.43 10.70 -21.70
N SER A 117 -10.24 11.23 -21.98
CA SER A 117 -9.06 10.40 -22.21
C SER A 117 -7.82 11.06 -21.63
N TYR A 118 -7.07 10.29 -20.83
CA TYR A 118 -5.76 10.73 -20.31
C TYR A 118 -5.05 9.54 -19.74
N PHE A 119 -3.73 9.67 -19.54
CA PHE A 119 -2.99 8.62 -18.85
C PHE A 119 -3.34 8.64 -17.37
N LYS A 120 -4.06 7.60 -16.93
CA LYS A 120 -4.66 7.54 -15.60
C LYS A 120 -3.63 7.23 -14.51
N ASP A 121 -2.42 6.86 -14.95
CA ASP A 121 -1.28 6.39 -14.13
C ASP A 121 -0.28 7.50 -13.80
N ARG A 122 -0.42 8.64 -14.47
CA ARG A 122 0.45 9.78 -14.28
C ARG A 122 0.62 10.23 -12.82
N ALA A 123 1.76 10.85 -12.56
CA ALA A 123 2.00 11.43 -11.27
C ALA A 123 1.24 12.74 -11.19
N HIS A 124 0.97 13.16 -9.95
CA HIS A 124 0.46 14.48 -9.62
C HIS A 124 -0.98 14.69 -10.09
N ILE A 125 -1.74 13.60 -10.18
CA ILE A 125 -3.18 13.73 -10.51
C ILE A 125 -4.03 13.12 -9.43
N GLN A 126 -3.59 13.29 -8.20
CA GLN A 126 -4.21 12.67 -7.03
C GLN A 126 -5.10 13.66 -6.27
N SER A 127 -4.85 14.97 -6.41
CA SER A 127 -5.44 16.00 -5.48
C SER A 127 -6.58 16.75 -6.09
N LEU A 128 -7.35 17.46 -5.25
CA LEU A 128 -8.38 18.25 -5.85
C LEU A 128 -7.82 19.43 -6.71
N PHE A 129 -6.58 19.84 -6.49
CA PHE A 129 -5.95 20.78 -7.43
C PHE A 129 -5.91 20.24 -8.86
N SER A 130 -5.53 18.95 -9.04
CA SER A 130 -5.59 18.32 -10.35
C SER A 130 -7.01 18.21 -10.92
N PHE A 131 -7.96 17.83 -10.07
CA PHE A 131 -9.36 17.76 -10.52
C PHE A 131 -9.86 19.08 -11.04
N ILE A 132 -9.56 20.16 -10.32
CA ILE A 132 -10.05 21.48 -10.75
C ILE A 132 -9.29 22.05 -11.97
N THR A 133 -7.96 22.01 -11.91
CA THR A 133 -7.17 22.70 -12.94
C THR A 133 -6.92 21.85 -14.17
N GLY A 134 -6.99 20.53 -14.02
CA GLY A 134 -6.66 19.60 -15.09
C GLY A 134 -7.76 18.65 -15.48
N THR A 135 -8.85 18.68 -14.71
CA THR A 135 -9.94 17.68 -14.86
C THR A 135 -9.44 16.23 -14.94
N LYS A 136 -8.41 15.95 -14.15
CA LYS A 136 -7.81 14.60 -14.10
C LYS A 136 -7.67 14.13 -12.66
N LEU A 137 -8.00 12.85 -12.46
CA LEU A 137 -7.75 12.17 -11.19
C LEU A 137 -7.32 10.73 -11.47
N ASP A 138 -6.44 10.25 -10.61
CA ASP A 138 -6.12 8.82 -10.60
C ASP A 138 -7.19 8.01 -9.83
N SER A 139 -7.10 6.69 -9.84
CA SER A 139 -8.19 5.87 -9.28
C SER A 139 -8.57 6.23 -7.85
N SER A 140 -7.60 6.19 -6.94
CA SER A 140 -7.95 6.48 -5.55
C SER A 140 -8.26 7.96 -5.37
N GLY A 141 -7.73 8.80 -6.29
CA GLY A 141 -8.07 10.23 -6.31
C GLY A 141 -9.56 10.45 -6.49
N VAL A 142 -10.19 9.66 -7.35
CA VAL A 142 -11.63 9.76 -7.57
C VAL A 142 -12.36 9.45 -6.21
N ALA A 143 -11.94 8.38 -5.53
CA ALA A 143 -12.58 8.05 -4.26
C ALA A 143 -12.40 9.17 -3.25
N PHE A 144 -11.17 9.70 -3.13
CA PHE A 144 -10.96 10.79 -2.21
C PHE A 144 -11.84 12.01 -2.54
N ALA A 145 -11.99 12.27 -3.84
CA ALA A 145 -12.74 13.47 -4.24
C ALA A 145 -14.24 13.28 -3.94
N VAL A 146 -14.72 12.04 -4.03
CA VAL A 146 -16.11 11.76 -3.60
C VAL A 146 -16.27 12.03 -2.12
N VAL A 147 -15.30 11.59 -1.29
CA VAL A 147 -15.37 11.84 0.15
C VAL A 147 -15.28 13.34 0.45
N GLY A 148 -14.41 14.04 -0.28
CA GLY A 148 -14.30 15.52 -0.08
C GLY A 148 -15.57 16.23 -0.46
N ALA A 149 -16.16 15.82 -1.58
CA ALA A 149 -17.44 16.41 -2.08
C ALA A 149 -18.52 16.13 -1.04
N CYS A 150 -18.61 14.90 -0.54
CA CYS A 150 -19.63 14.59 0.48
C CYS A 150 -19.47 15.44 1.74
N GLN A 151 -18.24 15.66 2.17
CA GLN A 151 -18.05 16.49 3.36
C GLN A 151 -18.51 17.90 3.04
N ALA A 152 -18.18 18.39 1.86
CA ALA A 152 -18.58 19.75 1.45
C ALA A 152 -20.13 19.88 1.52
N LEU A 153 -20.82 18.79 1.20
CA LEU A 153 -22.30 18.77 1.18
C LEU A 153 -22.91 18.55 2.56
N GLY A 154 -22.07 18.39 3.58
CA GLY A 154 -22.54 18.09 4.94
C GLY A 154 -22.85 16.64 5.28
N LEU A 155 -22.31 15.71 4.48
CA LEU A 155 -22.63 14.26 4.62
C LEU A 155 -21.56 13.61 5.49
N ARG A 156 -21.72 13.77 6.79
CA ARG A 156 -20.69 13.46 7.78
C ARG A 156 -20.44 11.96 7.85
N ASP A 157 -21.36 11.14 7.31
CA ASP A 157 -21.26 9.69 7.43
C ASP A 157 -20.44 9.04 6.29
N VAL A 158 -20.16 9.78 5.22
CA VAL A 158 -19.44 9.21 4.05
C VAL A 158 -17.92 9.26 4.33
N HIS A 159 -17.27 8.09 4.28
CA HIS A 159 -15.83 8.05 4.65
C HIS A 159 -15.11 7.15 3.66
N LEU A 160 -13.81 7.39 3.55
CA LEU A 160 -12.96 6.66 2.62
C LEU A 160 -12.65 5.26 3.20
N ALA A 161 -12.80 4.24 2.38
CA ALA A 161 -12.40 2.88 2.76
C ALA A 161 -11.19 2.54 1.88
N LEU A 162 -10.19 1.88 2.50
CA LEU A 162 -8.96 1.59 1.77
C LEU A 162 -8.52 0.16 2.03
N SER A 163 -8.23 -0.56 0.94
CA SER A 163 -7.43 -1.78 1.08
C SER A 163 -5.99 -1.45 0.74
N GLU A 164 -5.18 -2.49 0.48
CA GLU A 164 -3.79 -2.22 0.13
C GLU A 164 -3.60 -1.89 -1.35
N ASP A 165 -4.68 -2.05 -2.17
CA ASP A 165 -4.60 -1.74 -3.61
C ASP A 165 -5.86 -1.08 -4.17
N HIS A 166 -6.80 -0.65 -3.33
CA HIS A 166 -8.02 -0.11 -3.87
C HIS A 166 -8.68 0.80 -2.84
N ALA A 167 -9.63 1.62 -3.30
CA ALA A 167 -10.33 2.57 -2.45
C ALA A 167 -11.79 2.58 -2.84
N TRP A 168 -12.63 2.81 -1.82
CA TRP A 168 -14.08 2.95 -2.05
C TRP A 168 -14.60 3.81 -0.91
N VAL A 169 -15.94 3.80 -0.71
CA VAL A 169 -16.48 4.53 0.44
C VAL A 169 -17.39 3.70 1.33
N VAL A 170 -17.44 4.09 2.60
CA VAL A 170 -18.44 3.54 3.55
C VAL A 170 -19.41 4.64 3.91
N PHE A 171 -20.62 4.28 4.32
CA PHE A 171 -21.60 5.33 4.61
C PHE A 171 -22.80 4.67 5.27
N GLY A 172 -23.78 5.48 5.63
CA GLY A 172 -25.10 4.90 5.97
C GLY A 172 -25.22 4.62 7.47
N PRO A 173 -26.31 3.88 7.87
CA PRO A 173 -26.56 3.49 9.24
C PRO A 173 -25.33 2.81 9.83
N ASN A 174 -24.81 3.40 10.91
CA ASN A 174 -23.63 2.83 11.59
C ASN A 174 -22.36 2.78 10.74
N GLY A 175 -22.36 3.47 9.60
CA GLY A 175 -21.24 3.39 8.64
C GLY A 175 -21.08 2.01 8.04
N GLU A 176 -22.16 1.24 8.04
CA GLU A 176 -22.10 -0.18 7.65
C GLU A 176 -22.21 -0.48 6.14
N GLN A 177 -22.68 0.47 5.35
CA GLN A 177 -22.79 0.28 3.93
C GLN A 177 -21.46 0.53 3.21
N THR A 178 -21.21 -0.24 2.16
CA THR A 178 -20.06 0.05 1.26
C THR A 178 -20.54 0.38 -0.16
N ALA A 179 -19.85 1.30 -0.82
CA ALA A 179 -20.10 1.54 -2.22
C ALA A 179 -18.82 1.73 -3.03
N GLU A 180 -18.73 1.04 -4.15
CA GLU A 180 -17.68 1.33 -5.15
C GLU A 180 -17.94 2.70 -5.74
N VAL A 181 -16.88 3.52 -5.86
CA VAL A 181 -17.01 4.86 -6.47
C VAL A 181 -15.98 5.14 -7.54
N THR A 182 -15.01 4.24 -7.67
CA THR A 182 -13.99 4.41 -8.68
C THR A 182 -13.66 3.09 -9.42
N TRP A 183 -12.70 3.12 -10.34
CA TRP A 183 -12.24 1.91 -11.05
C TRP A 183 -11.10 1.27 -10.30
N HIS A 184 -10.82 0.01 -10.66
CA HIS A 184 -9.66 -0.64 -10.15
C HIS A 184 -8.91 -1.23 -11.32
N GLY A 185 -7.64 -0.88 -11.38
CA GLY A 185 -6.68 -1.43 -12.31
C GLY A 185 -7.03 -1.01 -13.71
N LYS A 186 -6.63 -1.85 -14.65
CA LYS A 186 -6.72 -1.52 -16.08
C LYS A 186 -7.45 -2.67 -16.71
N GLY A 187 -8.39 -2.34 -17.58
CA GLY A 187 -9.12 -3.34 -18.32
C GLY A 187 -10.07 -4.17 -17.48
N ASN A 188 -10.19 -3.84 -16.20
CA ASN A 188 -11.22 -4.43 -15.37
C ASN A 188 -12.55 -3.74 -15.61
N GLU A 189 -13.61 -4.46 -15.31
CA GLU A 189 -14.94 -3.91 -15.38
C GLU A 189 -15.24 -3.32 -14.02
N ASP A 190 -15.79 -2.10 -14.05
CA ASP A 190 -16.08 -1.40 -12.79
C ASP A 190 -17.41 -1.84 -12.19
N ARG A 191 -17.50 -1.80 -10.87
CA ARG A 191 -18.70 -2.19 -10.15
C ARG A 191 -19.24 -0.97 -9.40
N ARG A 192 -19.09 0.24 -9.98
CA ARG A 192 -19.49 1.47 -9.29
C ARG A 192 -20.94 1.37 -8.78
N GLY A 193 -21.15 1.87 -7.58
CA GLY A 193 -22.44 1.81 -6.93
C GLY A 193 -22.71 0.53 -6.17
N GLN A 194 -21.96 -0.54 -6.43
CA GLN A 194 -22.22 -1.83 -5.74
C GLN A 194 -21.47 -1.90 -4.42
N THR A 195 -21.81 -2.91 -3.63
CA THR A 195 -21.09 -3.16 -2.36
C THR A 195 -19.80 -3.90 -2.69
N VAL A 196 -18.96 -4.03 -1.68
CA VAL A 196 -17.76 -4.86 -1.81
C VAL A 196 -17.95 -6.26 -1.24
N ASN A 197 -19.19 -6.62 -0.92
CA ASN A 197 -19.40 -7.92 -0.25
C ASN A 197 -18.97 -9.16 -1.02
N ALA A 198 -19.19 -9.17 -2.33
CA ALA A 198 -18.70 -10.33 -3.11
C ALA A 198 -17.18 -10.50 -3.05
N GLY A 199 -16.47 -9.38 -3.07
CA GLY A 199 -15.00 -9.41 -2.98
C GLY A 199 -14.54 -9.85 -1.60
N VAL A 200 -15.22 -9.41 -0.54
CA VAL A 200 -14.90 -9.87 0.81
C VAL A 200 -15.18 -11.40 0.93
N ALA A 201 -16.33 -11.84 0.42
CA ALA A 201 -16.72 -13.24 0.54
C ALA A 201 -15.76 -14.12 -0.21
N GLU A 202 -15.17 -13.64 -1.30
CA GLU A 202 -14.27 -14.55 -2.02
C GLU A 202 -12.87 -14.63 -1.44
N ARG A 203 -12.64 -13.87 -0.37
CA ARG A 203 -11.35 -13.89 0.34
C ARG A 203 -10.14 -13.48 -0.55
N SER A 204 -10.40 -12.51 -1.43
CA SER A 204 -9.32 -11.94 -2.22
C SER A 204 -8.46 -11.01 -1.43
N TRP A 205 -7.23 -10.84 -1.86
CA TRP A 205 -6.41 -9.81 -1.22
C TRP A 205 -6.97 -8.39 -1.40
N LEU A 206 -7.63 -8.16 -2.53
CA LEU A 206 -8.09 -6.79 -2.89
C LEU A 206 -8.99 -6.24 -1.79
N TYR A 207 -9.76 -7.11 -1.16
CA TYR A 207 -10.73 -6.64 -0.14
C TYR A 207 -10.38 -7.09 1.30
N LEU A 208 -9.21 -7.74 1.43
CA LEU A 208 -8.59 -8.03 2.71
C LEU A 208 -9.48 -8.82 3.66
N LYS A 209 -10.38 -9.65 3.11
CA LYS A 209 -11.30 -10.47 3.90
C LYS A 209 -12.13 -9.59 4.84
N GLY A 210 -12.29 -8.33 4.42
CA GLY A 210 -13.05 -7.41 5.27
C GLY A 210 -12.25 -6.60 6.25
N SER A 211 -10.96 -6.91 6.37
CA SER A 211 -10.07 -6.23 7.30
C SER A 211 -9.42 -5.00 6.67
N TYR A 212 -10.19 -4.27 5.86
CA TYR A 212 -9.71 -3.05 5.21
C TYR A 212 -9.88 -1.88 6.17
N MET A 213 -9.27 -0.76 5.79
CA MET A 213 -9.34 0.47 6.63
C MET A 213 -10.65 1.23 6.39
N ARG A 214 -11.31 1.59 7.48
CA ARG A 214 -12.51 2.48 7.44
C ARG A 214 -12.05 3.78 8.08
N CYS A 215 -11.79 4.75 7.21
CA CYS A 215 -11.19 6.00 7.71
C CYS A 215 -12.18 6.86 8.48
N ASP A 216 -11.67 7.52 9.48
CA ASP A 216 -12.37 8.69 9.98
C ASP A 216 -11.73 9.90 9.25
N ARG A 217 -12.18 11.11 9.58
CA ARG A 217 -11.70 12.29 8.86
C ARG A 217 -10.20 12.46 9.04
N LYS A 218 -9.64 12.11 10.20
CA LYS A 218 -8.22 12.33 10.44
C LYS A 218 -7.38 11.35 9.60
N MET A 219 -7.86 10.12 9.48
CA MET A 219 -7.22 9.17 8.58
C MET A 219 -7.30 9.59 7.11
N GLU A 220 -8.38 10.27 6.73
CA GLU A 220 -8.48 10.79 5.39
C GLU A 220 -7.46 11.90 5.14
N VAL A 221 -7.18 12.71 6.16
CA VAL A 221 -6.04 13.61 6.05
C VAL A 221 -4.75 12.84 5.92
N ALA A 222 -4.58 11.77 6.71
CA ALA A 222 -3.34 10.96 6.55
C ALA A 222 -3.20 10.39 5.13
N PHE A 223 -4.31 9.99 4.54
CA PHE A 223 -4.30 9.49 3.17
C PHE A 223 -3.78 10.52 2.18
N MET A 224 -4.31 11.73 2.26
CA MET A 224 -3.85 12.78 1.33
C MET A 224 -2.36 13.13 1.50
N VAL A 225 -1.88 13.00 2.73
CA VAL A 225 -0.50 13.25 3.04
C VAL A 225 0.36 12.12 2.44
N CYS A 226 -0.03 10.87 2.64
CA CYS A 226 0.65 9.76 1.96
C CYS A 226 0.63 9.91 0.46
N ALA A 227 -0.44 10.52 -0.06
CA ALA A 227 -0.62 10.69 -1.49
C ALA A 227 0.28 11.75 -2.11
N ILE A 228 0.92 12.59 -1.29
CA ILE A 228 1.84 13.61 -1.84
C ILE A 228 2.91 12.86 -2.65
N ASN A 229 3.22 13.38 -3.84
CA ASN A 229 4.21 12.71 -4.70
C ASN A 229 5.34 13.67 -4.99
N PRO A 230 6.47 13.44 -4.28
CA PRO A 230 7.66 14.32 -4.41
C PRO A 230 8.39 14.20 -5.74
N SER A 231 8.08 13.21 -6.56
CA SER A 231 8.80 13.00 -7.84
C SER A 231 8.73 14.17 -8.82
N ILE A 232 9.90 14.67 -9.21
CA ILE A 232 9.94 15.67 -10.25
C ILE A 232 10.10 14.95 -11.60
N ASP A 233 11.01 13.97 -11.62
CA ASP A 233 11.12 13.02 -12.74
C ASP A 233 11.67 11.69 -12.24
N LEU A 234 12.06 10.81 -13.16
CA LEU A 234 12.58 9.49 -12.74
C LEU A 234 13.82 9.55 -11.81
N HIS A 235 14.68 10.55 -12.00
CA HIS A 235 15.93 10.63 -11.27
C HIS A 235 15.93 11.63 -10.08
N THR A 236 14.88 12.43 -9.95
CA THR A 236 14.89 13.57 -9.04
C THR A 236 13.62 13.69 -8.18
N ASP A 237 13.81 13.84 -6.86
CA ASP A 237 12.70 14.16 -5.97
C ASP A 237 12.81 15.58 -5.46
N SER A 238 11.67 16.20 -5.21
CA SER A 238 11.64 17.50 -4.54
C SER A 238 11.95 17.33 -3.05
N LEU A 239 13.05 17.94 -2.59
CA LEU A 239 13.41 17.87 -1.20
C LEU A 239 12.37 18.57 -0.35
N GLU A 240 11.74 19.62 -0.93
CA GLU A 240 10.77 20.46 -0.21
C GLU A 240 9.53 19.60 0.04
N LEU A 241 9.06 18.91 -0.99
CA LEU A 241 7.89 18.00 -0.78
C LEU A 241 8.19 16.80 0.13
N LEU A 242 9.40 16.22 0.03
CA LEU A 242 9.78 15.19 0.98
C LEU A 242 9.73 15.69 2.42
N GLN A 243 10.33 16.86 2.67
CA GLN A 243 10.34 17.44 3.98
C GLN A 243 8.91 17.73 4.43
N LEU A 244 8.10 18.27 3.53
CA LEU A 244 6.70 18.53 3.90
C LEU A 244 5.92 17.27 4.28
N GLN A 245 6.02 16.25 3.44
CA GLN A 245 5.32 14.99 3.72
C GLN A 245 5.78 14.38 5.04
N GLN A 246 7.09 14.44 5.30
CA GLN A 246 7.67 13.85 6.48
C GLN A 246 7.17 14.60 7.71
N LYS A 247 7.20 15.96 7.66
CA LYS A 247 6.65 16.78 8.75
C LYS A 247 5.16 16.60 9.03
N LEU A 248 4.37 16.49 7.98
CA LEU A 248 2.95 16.23 8.13
C LEU A 248 2.67 14.82 8.68
N LEU A 249 3.43 13.82 8.22
CA LEU A 249 3.32 12.47 8.82
C LEU A 249 3.67 12.47 10.33
N TRP A 250 4.70 13.22 10.73
CA TRP A 250 5.02 13.30 12.15
C TRP A 250 3.93 13.99 12.96
N LEU A 251 3.35 15.05 12.39
CA LEU A 251 2.20 15.73 13.00
C LEU A 251 1.09 14.75 13.26
N LEU A 252 0.73 13.98 12.23
CA LEU A 252 -0.33 13.01 12.36
C LEU A 252 0.03 11.93 13.37
N TYR A 253 1.28 11.49 13.34
CA TYR A 253 1.73 10.48 14.27
C TYR A 253 1.57 10.96 15.72
N ASP A 254 2.02 12.19 15.98
CA ASP A 254 1.95 12.76 17.33
C ASP A 254 0.53 12.93 17.83
N LEU A 255 -0.41 13.16 16.94
CA LEU A 255 -1.80 13.33 17.33
C LEU A 255 -2.57 12.03 17.46
N GLY A 256 -1.92 10.91 17.12
CA GLY A 256 -2.59 9.64 17.24
C GLY A 256 -3.21 9.12 15.94
N HIS A 257 -3.09 9.88 14.84
CA HIS A 257 -3.91 9.59 13.67
C HIS A 257 -3.27 8.57 12.71
N LEU A 258 -2.07 8.09 13.05
CA LEU A 258 -1.51 6.96 12.26
C LEU A 258 -1.65 5.61 12.97
N GLU A 259 -2.31 5.61 14.12
N GLU A 259 -2.28 5.54 14.15
CA GLU A 259 -2.48 4.41 14.96
CA GLU A 259 -2.32 4.27 14.92
C GLU A 259 -2.95 3.21 14.18
C GLU A 259 -3.03 3.11 14.21
N ARG A 260 -3.93 3.46 13.31
CA ARG A 260 -4.67 2.43 12.60
C ARG A 260 -4.29 2.51 11.12
N TYR A 261 -3.11 3.00 10.82
CA TYR A 261 -2.76 3.18 9.41
C TYR A 261 -1.36 2.60 9.15
N PRO A 262 -1.26 1.24 9.05
CA PRO A 262 0.05 0.59 8.78
C PRO A 262 0.83 1.16 7.62
N MET A 263 0.19 1.41 6.47
CA MET A 263 0.97 1.89 5.31
C MET A 263 1.59 3.27 5.53
N ALA A 264 0.86 4.14 6.27
CA ALA A 264 1.40 5.43 6.55
C ALA A 264 2.66 5.34 7.45
N LEU A 265 2.64 4.39 8.39
CA LEU A 265 3.82 4.15 9.27
C LEU A 265 4.98 3.66 8.45
N GLY A 266 4.71 2.77 7.49
CA GLY A 266 5.75 2.28 6.58
C GLY A 266 6.29 3.40 5.71
N ASN A 267 5.39 4.26 5.20
N ASN A 267 5.40 4.27 5.18
CA ASN A 267 5.78 5.44 4.45
CA ASN A 267 5.86 5.40 4.40
C ASN A 267 6.71 6.34 5.24
C ASN A 267 6.73 6.36 5.24
N LEU A 268 6.36 6.59 6.50
CA LEU A 268 7.15 7.46 7.37
C LEU A 268 8.52 6.82 7.68
N ALA A 269 8.53 5.51 7.92
CA ALA A 269 9.76 4.77 8.12
C ALA A 269 10.70 4.93 6.88
N ASP A 270 10.13 4.77 5.68
CA ASP A 270 10.89 4.91 4.43
C ASP A 270 11.49 6.31 4.33
N LEU A 271 10.74 7.32 4.77
CA LEU A 271 11.22 8.71 4.72
C LEU A 271 12.33 8.94 5.73
N GLU A 272 12.18 8.38 6.94
CA GLU A 272 13.17 8.48 8.00
C GLU A 272 14.46 7.73 7.58
N GLU A 273 14.34 6.67 6.79
CA GLU A 273 15.57 6.01 6.28
C GLU A 273 16.36 6.96 5.37
N LEU A 274 15.66 7.68 4.51
CA LEU A 274 16.30 8.57 3.56
C LEU A 274 16.91 9.78 4.29
N GLU A 275 16.19 10.30 5.28
CA GLU A 275 16.62 11.53 5.97
C GLU A 275 16.09 11.56 7.39
N PRO A 276 16.87 11.02 8.35
CA PRO A 276 16.29 10.88 9.69
C PRO A 276 16.09 12.21 10.41
N THR A 277 14.98 12.27 11.15
CA THR A 277 14.62 13.42 11.98
C THR A 277 15.24 13.20 13.38
N PRO A 278 16.11 14.14 13.85
CA PRO A 278 16.70 13.89 15.17
C PRO A 278 15.64 13.79 16.29
N GLY A 279 15.83 12.80 17.13
CA GLY A 279 14.98 12.63 18.28
C GLY A 279 13.72 11.85 18.00
N ARG A 280 13.63 11.29 16.79
CA ARG A 280 12.50 10.43 16.40
C ARG A 280 12.86 8.92 16.40
N PRO A 281 11.86 8.02 16.46
CA PRO A 281 12.08 6.56 16.36
C PRO A 281 12.80 6.20 15.08
N ASP A 282 13.64 5.16 15.15
CA ASP A 282 14.35 4.62 14.00
C ASP A 282 13.33 4.04 13.00
N PRO A 283 13.69 4.02 11.72
CA PRO A 283 12.90 3.27 10.72
C PRO A 283 12.46 1.88 11.19
N LEU A 284 13.36 1.05 11.75
CA LEU A 284 12.95 -0.26 12.22
C LEU A 284 11.84 -0.18 13.25
N THR A 285 11.92 0.75 14.21
CA THR A 285 10.86 0.90 15.17
C THR A 285 9.48 1.20 14.50
N LEU A 286 9.53 2.04 13.50
CA LEU A 286 8.34 2.42 12.77
C LEU A 286 7.78 1.28 11.94
N TYR A 287 8.66 0.52 11.27
CA TYR A 287 8.15 -0.68 10.56
C TYR A 287 7.45 -1.63 11.54
N HIS A 288 8.05 -1.83 12.73
CA HIS A 288 7.44 -2.70 13.69
C HIS A 288 6.12 -2.16 14.24
N LYS A 289 6.02 -0.85 14.33
CA LYS A 289 4.75 -0.24 14.73
C LYS A 289 3.69 -0.47 13.66
N GLY A 290 4.10 -0.39 12.41
CA GLY A 290 3.17 -0.72 11.29
C GLY A 290 2.63 -2.15 11.41
N ILE A 291 3.53 -3.14 11.64
CA ILE A 291 3.12 -4.52 11.85
C ILE A 291 2.20 -4.67 13.07
N ALA A 292 2.56 -3.99 14.16
CA ALA A 292 1.75 -4.04 15.34
C ALA A 292 0.37 -3.47 15.11
N SER A 293 0.29 -2.40 14.32
CA SER A 293 -0.99 -1.82 13.94
C SER A 293 -1.84 -2.82 13.16
N ALA A 294 -1.20 -3.54 12.20
CA ALA A 294 -1.95 -4.49 11.40
C ALA A 294 -2.47 -5.62 12.32
N LYS A 295 -1.64 -6.05 13.27
CA LYS A 295 -2.00 -7.11 14.20
C LYS A 295 -3.16 -6.71 15.11
N THR A 296 -3.11 -5.47 15.54
CA THR A 296 -4.10 -4.96 16.52
C THR A 296 -5.45 -4.63 15.91
N TYR A 297 -5.45 -3.96 14.76
CA TYR A 297 -6.67 -3.46 14.18
C TYR A 297 -7.21 -4.22 13.00
N TYR A 298 -6.35 -5.02 12.33
CA TYR A 298 -6.74 -5.63 11.08
C TYR A 298 -6.48 -7.13 11.03
N ARG A 299 -6.46 -7.76 12.22
CA ARG A 299 -6.36 -9.24 12.32
C ARG A 299 -5.10 -9.82 11.67
N ASP A 300 -4.05 -9.01 11.58
CA ASP A 300 -2.81 -9.42 10.91
C ASP A 300 -3.10 -9.95 9.51
N GLU A 301 -4.00 -9.27 8.78
CA GLU A 301 -4.38 -9.70 7.43
C GLU A 301 -3.81 -8.82 6.32
N HIS A 302 -2.87 -7.92 6.63
CA HIS A 302 -2.23 -7.06 5.68
C HIS A 302 -0.87 -7.60 5.27
N ILE A 303 -0.58 -7.45 3.99
CA ILE A 303 0.68 -7.95 3.45
C ILE A 303 1.81 -6.92 3.49
N TYR A 304 1.52 -5.67 3.18
CA TYR A 304 2.57 -4.68 3.12
C TYR A 304 3.34 -4.38 4.38
N PRO A 305 2.78 -4.54 5.60
CA PRO A 305 3.65 -4.21 6.76
C PRO A 305 4.95 -5.02 6.76
N TYR A 306 4.82 -6.28 6.40
CA TYR A 306 5.99 -7.16 6.34
C TYR A 306 6.85 -6.87 5.12
N MET A 307 6.23 -6.53 3.99
N MET A 307 6.21 -6.48 4.00
CA MET A 307 7.06 -6.12 2.84
CA MET A 307 6.96 -6.09 2.80
C MET A 307 7.88 -4.85 3.06
C MET A 307 7.80 -4.81 2.97
N TYR A 308 7.28 -3.85 3.73
CA TYR A 308 8.05 -2.63 4.06
C TYR A 308 9.26 -3.03 4.86
N LEU A 309 9.06 -3.89 5.86
CA LEU A 309 10.21 -4.30 6.72
C LEU A 309 11.22 -5.06 5.90
N ALA A 310 10.73 -6.01 5.10
CA ALA A 310 11.68 -6.81 4.30
C ALA A 310 12.50 -5.93 3.35
N GLY A 311 11.86 -4.93 2.74
CA GLY A 311 12.54 -4.04 1.82
C GLY A 311 13.64 -3.28 2.53
N TYR A 312 13.36 -2.80 3.72
CA TYR A 312 14.41 -2.11 4.53
C TYR A 312 15.62 -3.02 4.78
N HIS A 313 15.35 -4.25 5.22
CA HIS A 313 16.45 -5.20 5.46
C HIS A 313 17.17 -5.55 4.15
N CYS A 314 16.44 -5.71 3.07
CA CYS A 314 17.03 -5.94 1.76
C CYS A 314 18.00 -4.81 1.34
N ARG A 315 17.56 -3.58 1.45
CA ARG A 315 18.42 -2.43 1.09
C ARG A 315 19.68 -2.36 1.92
N ASN A 316 19.57 -2.82 3.14
CA ASN A 316 20.67 -2.80 4.08
C ASN A 316 21.50 -4.08 4.00
N ARG A 317 21.14 -5.00 3.08
CA ARG A 317 21.79 -6.32 2.93
C ARG A 317 21.81 -7.15 4.21
N ASN A 318 20.73 -7.06 4.96
N ASN A 318 20.70 -7.07 4.95
CA ASN A 318 20.54 -7.91 6.07
CA ASN A 318 20.44 -7.83 6.16
C ASN A 318 19.72 -9.04 5.49
C ASN A 318 19.72 -9.14 5.73
N VAL A 319 20.41 -10.06 5.03
CA VAL A 319 19.74 -11.21 4.35
C VAL A 319 18.84 -12.01 5.30
N ARG A 320 19.35 -12.33 6.47
N ARG A 320 19.33 -12.34 6.50
CA ARG A 320 18.62 -13.06 7.45
CA ARG A 320 18.53 -13.11 7.47
C ARG A 320 17.26 -12.43 7.81
C ARG A 320 17.22 -12.42 7.78
N GLU A 321 17.29 -11.13 8.14
CA GLU A 321 16.08 -10.41 8.53
C GLU A 321 15.14 -10.14 7.37
N ALA A 322 15.70 -9.97 6.17
CA ALA A 322 14.89 -9.76 4.95
C ALA A 322 14.16 -11.09 4.69
N LEU A 323 14.87 -12.23 4.79
CA LEU A 323 14.17 -13.51 4.56
C LEU A 323 13.12 -13.80 5.61
N GLN A 324 13.43 -13.48 6.86
CA GLN A 324 12.45 -13.61 7.91
C GLN A 324 11.17 -12.81 7.58
N ALA A 325 11.33 -11.57 7.15
CA ALA A 325 10.16 -10.69 6.90
C ALA A 325 9.38 -11.13 5.68
N TRP A 326 10.08 -11.62 4.62
CA TRP A 326 9.33 -12.18 3.49
C TRP A 326 8.63 -13.51 3.86
N ALA A 327 9.24 -14.32 4.73
CA ALA A 327 8.52 -15.52 5.25
C ALA A 327 7.24 -15.12 5.98
N ASP A 328 7.35 -14.06 6.80
CA ASP A 328 6.18 -13.56 7.52
C ASP A 328 5.14 -13.00 6.56
N THR A 329 5.57 -12.38 5.44
N THR A 329 5.60 -12.39 5.49
CA THR A 329 4.64 -11.90 4.38
CA THR A 329 4.73 -11.91 4.46
C THR A 329 3.87 -13.07 3.77
C THR A 329 3.90 -13.07 3.87
N ALA A 330 4.59 -14.16 3.51
CA ALA A 330 3.94 -15.34 2.96
C ALA A 330 2.96 -15.99 3.93
N THR A 331 3.24 -15.88 5.21
CA THR A 331 2.42 -16.49 6.23
C THR A 331 1.07 -15.76 6.30
N VAL A 332 1.09 -14.49 5.91
CA VAL A 332 -0.20 -13.78 5.76
C VAL A 332 -0.94 -14.19 4.49
N ILE A 333 -0.25 -14.19 3.34
CA ILE A 333 -0.92 -14.50 2.11
C ILE A 333 -1.49 -15.93 2.04
N GLN A 334 -0.93 -16.82 2.84
CA GLN A 334 -1.38 -18.25 2.76
C GLN A 334 -2.89 -18.41 3.06
N ASP A 335 -3.50 -17.46 3.78
CA ASP A 335 -4.90 -17.61 4.15
C ASP A 335 -5.80 -16.76 3.25
N TYR A 336 -5.33 -16.46 2.05
CA TYR A 336 -6.10 -15.76 1.03
C TYR A 336 -6.32 -16.68 -0.14
N ASN A 337 -7.28 -16.32 -0.99
CA ASN A 337 -7.49 -16.95 -2.28
C ASN A 337 -6.99 -16.01 -3.33
N TYR A 338 -6.19 -16.51 -4.26
CA TYR A 338 -5.67 -15.67 -5.32
C TYR A 338 -6.77 -15.48 -6.32
N CYS A 339 -7.28 -14.25 -6.41
CA CYS A 339 -8.41 -13.90 -7.26
C CYS A 339 -8.05 -12.93 -8.37
N ARG A 340 -8.93 -12.87 -9.36
CA ARG A 340 -8.79 -11.87 -10.38
C ARG A 340 -8.85 -10.55 -9.65
N GLU A 341 -7.95 -9.69 -10.07
CA GLU A 341 -7.75 -8.35 -9.59
C GLU A 341 -6.74 -8.27 -8.48
N ASP A 342 -6.17 -9.41 -8.06
CA ASP A 342 -5.09 -9.41 -7.04
C ASP A 342 -3.70 -9.39 -7.73
N GLU A 343 -3.65 -9.05 -9.02
CA GLU A 343 -2.38 -9.10 -9.75
C GLU A 343 -1.24 -8.32 -9.14
N GLU A 344 -1.52 -7.18 -8.45
N GLU A 344 -1.52 -7.19 -8.48
CA GLU A 344 -0.43 -6.38 -7.96
CA GLU A 344 -0.41 -6.38 -7.96
C GLU A 344 0.39 -7.18 -6.94
C GLU A 344 0.38 -7.09 -6.87
N ILE A 345 -0.30 -7.92 -6.07
CA ILE A 345 0.43 -8.65 -5.01
C ILE A 345 1.13 -9.87 -5.60
N TYR A 346 0.53 -10.46 -6.65
CA TYR A 346 1.20 -11.57 -7.35
C TYR A 346 2.52 -11.01 -7.92
N LYS A 347 2.48 -9.82 -8.52
CA LYS A 347 3.71 -9.21 -9.10
C LYS A 347 4.74 -8.98 -8.03
N GLU A 348 4.31 -8.55 -6.84
CA GLU A 348 5.26 -8.33 -5.77
C GLU A 348 5.93 -9.64 -5.31
N PHE A 349 5.14 -10.69 -5.10
CA PHE A 349 5.73 -11.95 -4.69
C PHE A 349 6.64 -12.53 -5.79
N PHE A 350 6.22 -12.40 -7.04
CA PHE A 350 7.01 -12.91 -8.15
C PHE A 350 8.39 -12.24 -8.16
N GLU A 351 8.41 -10.91 -8.04
CA GLU A 351 9.66 -10.15 -8.02
C GLU A 351 10.55 -10.56 -6.85
N VAL A 352 9.95 -10.78 -5.68
CA VAL A 352 10.75 -11.20 -4.51
C VAL A 352 11.38 -12.58 -4.75
N ALA A 353 10.57 -13.52 -5.23
CA ALA A 353 11.07 -14.88 -5.41
C ALA A 353 12.04 -14.99 -6.55
N ASN A 354 11.77 -14.26 -7.62
CA ASN A 354 12.43 -14.58 -8.88
C ASN A 354 13.45 -13.54 -9.32
N ASP A 355 13.59 -12.49 -8.53
CA ASP A 355 14.58 -11.47 -8.79
C ASP A 355 15.32 -11.02 -7.55
N VAL A 356 14.58 -10.56 -6.56
CA VAL A 356 15.23 -9.97 -5.41
C VAL A 356 15.98 -10.98 -4.56
N ILE A 357 15.32 -12.07 -4.17
CA ILE A 357 16.01 -13.11 -3.38
C ILE A 357 17.22 -13.72 -4.14
N PRO A 358 17.03 -14.08 -5.42
CA PRO A 358 18.19 -14.54 -6.19
C PRO A 358 19.39 -13.57 -6.18
N ASN A 359 19.13 -12.28 -6.32
CA ASN A 359 20.23 -11.31 -6.32
C ASN A 359 20.88 -11.23 -4.97
N LEU A 360 20.07 -11.25 -3.92
CA LEU A 360 20.63 -11.21 -2.58
C LEU A 360 21.50 -12.44 -2.31
N LEU A 361 21.03 -13.62 -2.72
CA LEU A 361 21.77 -14.85 -2.40
C LEU A 361 22.99 -14.97 -3.27
N LYS A 362 22.94 -14.44 -4.48
CA LYS A 362 24.12 -14.40 -5.36
C LYS A 362 25.27 -13.62 -4.76
N GLU A 363 24.95 -12.43 -4.27
CA GLU A 363 25.93 -11.62 -3.55
C GLU A 363 26.39 -12.35 -2.30
N ALA A 364 25.43 -12.90 -1.55
CA ALA A 364 25.85 -13.63 -0.34
C ALA A 364 26.83 -14.74 -0.65
N ALA A 365 26.64 -15.42 -1.78
CA ALA A 365 27.53 -16.52 -2.21
C ALA A 365 28.92 -15.95 -2.49
N SER A 366 28.98 -14.81 -3.15
CA SER A 366 30.29 -14.18 -3.44
C SER A 366 30.96 -13.81 -2.15
N LEU A 367 30.18 -13.30 -1.19
CA LEU A 367 30.81 -12.81 0.07
C LEU A 367 31.24 -13.98 0.92
N LEU A 368 30.50 -15.08 0.82
CA LEU A 368 30.93 -16.32 1.50
C LEU A 368 32.25 -16.84 0.91
N GLU A 369 32.39 -16.82 -0.41
CA GLU A 369 33.64 -17.23 -1.05
C GLU A 369 34.80 -16.35 -0.56
N ALA A 370 34.47 -15.13 -0.16
CA ALA A 370 35.47 -14.19 0.32
C ALA A 370 35.68 -14.24 1.85
N GLY A 371 35.10 -15.22 2.51
CA GLY A 371 35.30 -15.42 3.91
C GLY A 371 34.32 -14.85 4.90
N SER A 372 33.16 -14.41 4.49
CA SER A 372 32.19 -13.96 5.46
C SER A 372 31.92 -14.98 6.56
N GLN A 373 31.70 -14.49 7.76
CA GLN A 373 31.25 -15.27 8.88
C GLN A 373 29.83 -14.83 9.24
N GLY A 374 29.06 -15.71 9.85
CA GLY A 374 27.68 -15.40 10.23
C GLY A 374 26.73 -15.28 9.05
N SER A 375 27.20 -15.73 7.88
CA SER A 375 26.45 -15.62 6.63
C SER A 375 25.09 -16.30 6.71
N ALA A 376 24.08 -15.68 6.10
CA ALA A 376 22.75 -16.27 6.00
C ALA A 376 22.88 -17.64 5.35
N LEU A 377 23.84 -17.80 4.44
CA LEU A 377 23.97 -19.07 3.67
C LEU A 377 24.52 -20.23 4.50
N GLN A 378 25.15 -19.89 5.62
CA GLN A 378 25.51 -20.91 6.62
C GLN A 378 24.56 -21.02 7.81
N ASP A 379 23.43 -20.30 7.76
CA ASP A 379 22.51 -20.32 8.84
C ASP A 379 21.27 -21.16 8.46
N PRO A 380 21.05 -22.31 9.11
CA PRO A 380 19.89 -23.10 8.79
C PRO A 380 18.56 -22.35 9.09
N GLU A 381 18.56 -21.39 10.00
CA GLU A 381 17.34 -20.60 10.23
C GLU A 381 16.98 -19.79 8.98
N CYS A 382 17.98 -19.34 8.22
CA CYS A 382 17.69 -18.61 7.00
C CYS A 382 17.20 -19.54 5.92
N PHE A 383 17.75 -20.75 5.85
CA PHE A 383 17.18 -21.70 4.92
C PHE A 383 15.71 -21.99 5.30
N ALA A 384 15.40 -22.15 6.60
CA ALA A 384 14.02 -22.32 7.01
C ALA A 384 13.13 -21.14 6.56
N HIS A 385 13.62 -19.91 6.70
CA HIS A 385 12.80 -18.75 6.21
C HIS A 385 12.52 -18.83 4.74
N LEU A 386 13.51 -19.22 3.91
CA LEU A 386 13.29 -19.38 2.49
C LEU A 386 12.19 -20.42 2.27
N LEU A 387 12.31 -21.56 2.98
CA LEU A 387 11.26 -22.58 2.85
C LEU A 387 9.86 -22.12 3.28
N ARG A 388 9.77 -21.36 4.36
CA ARG A 388 8.47 -20.85 4.84
C ARG A 388 7.87 -19.87 3.82
N PHE A 389 8.72 -19.10 3.16
CA PHE A 389 8.27 -18.16 2.13
C PHE A 389 7.60 -18.99 1.00
N TYR A 390 8.24 -20.05 0.53
CA TYR A 390 7.61 -20.82 -0.52
C TYR A 390 6.39 -21.58 -0.01
N ASP A 391 6.42 -22.04 1.23
CA ASP A 391 5.26 -22.73 1.80
C ASP A 391 4.01 -21.84 1.79
N GLY A 392 4.19 -20.56 2.14
CA GLY A 392 3.00 -19.69 2.18
C GLY A 392 2.49 -19.45 0.79
N ILE A 393 3.39 -19.30 -0.18
CA ILE A 393 2.96 -19.06 -1.56
C ILE A 393 2.23 -20.31 -2.10
N CYS A 394 2.76 -21.49 -1.76
CA CYS A 394 2.08 -22.70 -2.22
C CYS A 394 0.73 -22.82 -1.53
N LYS A 395 0.62 -22.50 -0.24
CA LYS A 395 -0.68 -22.61 0.48
C LYS A 395 -1.70 -21.57 -0.05
N TRP A 396 -1.24 -20.35 -0.30
CA TRP A 396 -2.03 -19.35 -1.03
C TRP A 396 -2.76 -19.92 -2.22
N GLU A 397 -2.01 -20.65 -3.06
CA GLU A 397 -2.46 -21.23 -4.29
C GLU A 397 -3.56 -22.26 -4.02
N GLU A 398 -3.50 -22.97 -2.91
CA GLU A 398 -4.52 -24.01 -2.62
C GLU A 398 -5.90 -23.37 -2.51
N GLY A 399 -6.84 -23.95 -3.25
CA GLY A 399 -8.23 -23.47 -3.17
C GLY A 399 -8.51 -22.19 -3.95
N SER A 400 -7.48 -21.61 -4.59
CA SER A 400 -7.64 -20.34 -5.30
C SER A 400 -8.26 -20.60 -6.66
N PRO A 401 -9.05 -19.62 -7.17
CA PRO A 401 -9.71 -19.88 -8.44
C PRO A 401 -8.78 -19.76 -9.65
N THR A 402 -7.58 -19.20 -9.44
CA THR A 402 -6.55 -19.07 -10.46
C THR A 402 -5.24 -19.52 -9.79
N PRO A 403 -4.35 -20.19 -10.57
CA PRO A 403 -3.12 -20.72 -9.98
C PRO A 403 -2.03 -19.69 -9.83
N VAL A 404 -1.02 -20.01 -9.02
CA VAL A 404 0.03 -19.02 -8.74
C VAL A 404 1.36 -19.49 -9.36
N LEU A 405 1.74 -20.72 -9.04
CA LEU A 405 3.08 -21.23 -9.40
C LEU A 405 3.11 -21.79 -10.80
N HIS A 406 4.29 -21.72 -11.39
CA HIS A 406 4.55 -22.29 -12.74
C HIS A 406 6.04 -22.56 -12.89
N VAL A 407 6.47 -23.13 -14.04
CA VAL A 407 7.88 -23.56 -14.13
C VAL A 407 8.96 -22.46 -14.03
N GLY A 408 8.58 -21.23 -14.40
CA GLY A 408 9.47 -20.06 -14.25
C GLY A 408 9.86 -19.94 -12.78
N TRP A 409 8.88 -20.18 -11.91
CA TRP A 409 9.21 -20.12 -10.48
C TRP A 409 10.14 -21.27 -10.08
N ALA A 410 9.99 -22.45 -10.68
CA ALA A 410 10.77 -23.61 -10.26
C ALA A 410 12.26 -23.45 -10.51
N THR A 411 12.63 -22.84 -11.62
CA THR A 411 14.06 -22.60 -11.94
C THR A 411 14.75 -21.77 -10.86
N PHE A 412 14.09 -20.70 -10.42
CA PHE A 412 14.64 -19.90 -9.33
C PHE A 412 14.67 -20.60 -7.96
N LEU A 413 13.64 -21.38 -7.64
CA LEU A 413 13.63 -22.15 -6.40
C LEU A 413 14.83 -23.12 -6.38
N VAL A 414 15.04 -23.85 -7.46
CA VAL A 414 16.22 -24.75 -7.47
C VAL A 414 17.53 -23.98 -7.28
N GLN A 415 17.63 -22.84 -7.96
CA GLN A 415 18.84 -22.03 -7.84
C GLN A 415 19.04 -21.58 -6.38
N SER A 416 17.95 -21.09 -5.80
CA SER A 416 18.05 -20.54 -4.44
C SER A 416 18.35 -21.59 -3.39
N LEU A 417 17.70 -22.75 -3.49
CA LEU A 417 18.04 -23.89 -2.62
C LEU A 417 19.51 -24.26 -2.71
N GLY A 418 20.03 -24.24 -3.94
CA GLY A 418 21.40 -24.69 -4.26
C GLY A 418 22.42 -23.73 -3.68
N ARG A 419 21.99 -22.53 -3.30
CA ARG A 419 22.92 -21.56 -2.64
C ARG A 419 23.30 -21.99 -1.24
N PHE A 420 22.50 -22.86 -0.64
CA PHE A 420 22.82 -23.39 0.67
C PHE A 420 23.43 -24.78 0.54
N GLU A 421 24.58 -24.98 1.19
CA GLU A 421 25.20 -26.29 1.19
C GLU A 421 24.28 -27.32 1.82
N GLY A 422 24.44 -28.58 1.42
CA GLY A 422 23.66 -29.67 2.02
C GLY A 422 23.84 -29.76 3.53
N GLN A 423 25.04 -29.50 4.07
CA GLN A 423 25.24 -29.56 5.52
C GLN A 423 24.53 -28.47 6.28
N VAL A 424 24.11 -27.41 5.60
CA VAL A 424 23.28 -26.38 6.22
C VAL A 424 21.81 -26.80 6.11
N ARG A 425 21.43 -27.25 4.91
CA ARG A 425 20.03 -27.64 4.62
C ARG A 425 19.56 -28.77 5.52
N GLN A 426 20.47 -29.74 5.75
N GLN A 426 20.46 -29.72 5.80
CA GLN A 426 20.19 -30.91 6.58
CA GLN A 426 20.13 -30.89 6.62
C GLN A 426 19.78 -30.52 8.01
C GLN A 426 19.95 -30.61 8.10
N LYS A 427 20.29 -29.40 8.54
CA LYS A 427 19.99 -28.98 9.92
C LYS A 427 18.53 -28.53 10.17
N VAL A 428 17.77 -28.27 9.10
CA VAL A 428 16.38 -27.84 9.36
C VAL A 428 15.55 -29.09 9.61
N ARG A 429 14.77 -29.10 10.70
CA ARG A 429 13.88 -30.22 10.98
C ARG A 429 12.47 -29.82 10.54
N ILE A 430 11.95 -30.60 9.62
CA ILE A 430 10.62 -30.33 9.07
C ILE A 430 9.71 -31.32 9.80
N VAL A 431 8.91 -30.75 10.71
CA VAL A 431 8.02 -31.51 11.57
C VAL A 431 6.58 -31.43 11.06
N SER A 432 5.86 -32.53 11.22
CA SER A 432 4.46 -32.60 10.82
C SER A 432 3.55 -32.29 12.01
C GLY A 444 16.79 -26.10 15.35
N PRO A 445 16.77 -25.55 14.12
CA PRO A 445 15.58 -24.96 13.49
C PRO A 445 14.53 -26.00 13.21
N VAL A 446 13.27 -25.62 13.48
CA VAL A 446 12.15 -26.50 13.29
C VAL A 446 11.13 -25.72 12.48
N LEU A 447 10.51 -26.39 11.51
CA LEU A 447 9.58 -25.72 10.60
C LEU A 447 8.45 -26.69 10.31
N THR A 448 7.21 -26.19 10.27
CA THR A 448 6.05 -27.01 9.90
C THR A 448 5.56 -26.43 8.58
N PHE A 449 5.30 -27.28 7.60
CA PHE A 449 4.71 -26.80 6.36
C PHE A 449 3.18 -26.90 6.40
N GLN A 450 2.56 -25.88 5.85
CA GLN A 450 1.09 -25.83 5.70
C GLN A 450 0.64 -26.33 4.34
N SER A 451 1.48 -26.20 3.32
CA SER A 451 1.07 -26.53 1.93
C SER A 451 1.41 -27.99 1.58
N GLU A 452 0.54 -28.61 0.78
CA GLU A 452 0.84 -30.01 0.35
C GLU A 452 2.04 -30.03 -0.57
N LYS A 453 2.22 -28.98 -1.39
CA LYS A 453 3.40 -28.95 -2.26
C LYS A 453 4.69 -29.02 -1.46
N MET A 454 4.82 -28.21 -0.43
CA MET A 454 6.08 -28.28 0.30
C MET A 454 6.23 -29.57 1.12
N LYS A 455 5.13 -30.09 1.66
CA LYS A 455 5.23 -31.35 2.41
C LYS A 455 5.81 -32.47 1.53
N GLY A 456 5.38 -32.48 0.26
CA GLY A 456 5.87 -33.53 -0.67
C GLY A 456 7.32 -33.27 -1.12
N MET A 457 7.81 -32.05 -0.91
N MET A 457 7.78 -32.05 -0.90
CA MET A 457 9.19 -31.70 -1.31
CA MET A 457 9.13 -31.57 -1.26
C MET A 457 10.23 -31.96 -0.21
C MET A 457 10.19 -31.94 -0.21
N LYS A 458 9.74 -32.34 0.98
CA LYS A 458 10.56 -32.39 2.19
C LYS A 458 11.84 -33.20 1.99
N GLU A 459 11.70 -34.42 1.52
CA GLU A 459 12.90 -35.24 1.37
C GLU A 459 13.87 -34.65 0.35
N LEU A 460 13.36 -34.04 -0.70
CA LEU A 460 14.20 -33.45 -1.76
C LEU A 460 15.04 -32.26 -1.29
N LEU A 461 14.55 -31.61 -0.23
CA LEU A 461 15.15 -30.33 0.21
C LEU A 461 16.42 -30.50 0.98
N VAL A 462 16.57 -31.65 1.58
CA VAL A 462 17.67 -31.83 2.50
C VAL A 462 18.70 -32.80 1.93
N ALA A 463 18.52 -33.17 0.66
CA ALA A 463 19.45 -34.08 -0.04
C ALA A 463 20.74 -33.40 -0.49
N THR A 464 21.84 -34.14 -0.46
CA THR A 464 23.16 -33.57 -0.73
C THR A 464 23.22 -32.91 -2.10
N LYS A 465 22.74 -33.63 -3.12
CA LYS A 465 22.53 -33.07 -4.44
C LYS A 465 21.06 -32.70 -4.52
N ILE A 466 20.78 -31.50 -5.06
CA ILE A 466 19.40 -31.07 -5.28
C ILE A 466 18.91 -31.71 -6.60
N ASN A 467 17.80 -32.46 -6.52
CA ASN A 467 17.27 -33.07 -7.71
C ASN A 467 16.38 -32.05 -8.39
N SER A 468 16.96 -31.23 -9.27
CA SER A 468 16.24 -30.19 -9.94
C SER A 468 14.94 -30.60 -10.66
N SER A 469 14.99 -31.70 -11.44
CA SER A 469 13.80 -32.13 -12.15
CA SER A 469 13.80 -32.13 -12.15
C SER A 469 12.67 -32.54 -11.18
N ALA A 470 13.03 -33.24 -10.12
CA ALA A 470 11.98 -33.68 -9.15
C ALA A 470 11.39 -32.45 -8.42
N ILE A 471 12.23 -31.49 -8.10
CA ILE A 471 11.71 -30.22 -7.51
C ILE A 471 10.74 -29.50 -8.41
N LYS A 472 11.13 -29.31 -9.68
CA LYS A 472 10.26 -28.77 -10.67
C LYS A 472 8.95 -29.50 -10.72
N LEU A 473 8.97 -30.84 -10.77
CA LEU A 473 7.69 -31.54 -10.82
C LEU A 473 6.82 -31.34 -9.57
N GLN A 474 7.46 -31.25 -8.42
CA GLN A 474 6.71 -31.07 -7.15
C GLN A 474 6.13 -29.66 -7.04
N LEU A 475 6.86 -28.63 -7.50
CA LEU A 475 6.35 -27.27 -7.34
C LEU A 475 5.28 -26.95 -8.35
N THR A 476 5.26 -27.62 -9.50
CA THR A 476 4.32 -27.20 -10.55
C THR A 476 3.25 -28.26 -10.79
N ALA A 477 3.36 -29.31 -10.01
CA ALA A 477 2.54 -30.49 -10.07
C ALA A 477 2.37 -31.02 -11.51
N GLN A 478 3.46 -30.91 -12.27
CA GLN A 478 3.54 -31.36 -13.66
C GLN A 478 3.44 -32.88 -13.59
N SER A 479 2.60 -33.41 -14.45
CA SER A 479 2.18 -34.81 -14.36
C SER A 479 3.27 -35.69 -14.98
N GLN A 480 3.93 -35.17 -16.03
CA GLN A 480 4.71 -36.01 -16.94
C GLN A 480 6.03 -35.39 -17.41
N VAL A 481 6.99 -36.25 -17.76
CA VAL A 481 8.26 -35.77 -18.34
C VAL A 481 8.39 -36.20 -19.82
N GLN A 482 9.25 -35.48 -20.56
CA GLN A 482 9.42 -35.59 -22.03
C GLN A 482 9.32 -37.00 -22.61
N MET A 483 8.33 -37.20 -23.48
CA MET A 483 8.11 -38.51 -24.11
C MET A 483 9.25 -39.21 -24.85
N LYS A 484 9.66 -38.65 -25.98
CA LYS A 484 10.70 -39.26 -26.80
C LYS A 484 11.97 -38.49 -26.47
CAB 0RO B . 6.18 -2.43 0.55
CAY 0RO B . 5.68 -1.62 -0.65
CAC 0RO B . 5.86 -2.40 -1.95
SAP 0RO B . 3.98 -1.26 -0.34
CAL 0RO B . 6.38 -0.26 -0.71
NAM 0RO B . 5.35 0.81 -0.98
CAR 0RO B . 4.10 0.36 -0.82
NAW 0RO B . 3.00 1.10 -1.01
CAI 0RO B . 3.12 2.58 -1.31
CAK 0RO B . 2.15 3.31 -0.35
CAH 0RO B . 1.70 0.47 -0.79
CAJ 0RO B . 0.58 1.43 -1.22
NAX 0RO B . 0.76 2.73 -0.52
C6 0RO B . -0.29 3.31 0.16
N1 0RO B . 0.17 4.16 1.12
C2 0RO B . -0.76 4.80 1.97
N3 0RO B . -2.11 4.62 1.77
C4 0RO B . -2.55 3.83 0.79
SAQ 0RO B . -4.12 3.51 0.47
C5 0RO B . -1.66 3.12 -0.04
CAE 0RO B . -2.36 2.38 -0.96
CAS 0RO B . -3.71 2.47 -0.84
CAG 0RO B . -4.82 1.78 -1.69
CAF 0RO B . -5.35 2.81 -2.72
CAA 0RO B . -4.33 3.14 -3.81
C1 PEG C . 20.41 24.57 -3.43
O1 PEG C . 19.93 23.82 -4.57
C2 PEG C . 19.22 25.01 -2.60
O2 PEG C . 18.38 25.94 -3.30
C3 PEG C . 17.16 26.07 -2.55
C4 PEG C . 16.16 27.01 -3.21
O4 PEG C . 15.69 26.46 -4.45
UNK UNX D . -2.06 5.85 -2.02
UNK UNX E . -0.85 5.24 -2.55
UNK UNX F . -2.39 7.20 -3.04
UNK UNX G . -1.79 7.31 -0.75
UNK UNX H . -1.07 6.50 -2.20
S SO4 I . 3.92 30.75 -7.95
O1 SO4 I . 3.55 32.17 -7.94
O2 SO4 I . 2.78 29.96 -7.52
O3 SO4 I . 5.02 30.53 -7.01
O4 SO4 I . 4.31 30.38 -9.30
S SO4 J . -2.79 13.26 -20.77
O1 SO4 J . -3.53 14.47 -20.49
O2 SO4 J . -2.49 12.52 -19.56
O3 SO4 J . -1.54 13.59 -21.49
O4 SO4 J . -3.61 12.47 -21.67
S SO4 K . -18.86 -2.33 7.50
O1 SO4 K . -18.42 -1.12 6.81
O2 SO4 K . -19.80 -2.04 8.58
O3 SO4 K . -17.70 -2.97 8.10
O4 SO4 K . -19.45 -3.24 6.50
S SO4 L . 23.52 -11.74 6.24
O1 SO4 L . 23.33 -10.65 5.30
O2 SO4 L . 22.25 -12.04 6.94
O3 SO4 L . 24.56 -11.37 7.23
O4 SO4 L . 24.12 -12.79 5.38
S SO4 M . -11.93 16.11 -22.82
O1 SO4 M . -12.43 16.99 -23.86
O2 SO4 M . -11.41 16.93 -21.71
O3 SO4 M . -13.02 15.23 -22.39
O4 SO4 M . -10.83 15.29 -23.36
#